data_4GL7
#
_entry.id   4GL7
#
_cell.length_a   141.445
_cell.length_b   141.445
_cell.length_c   118.851
_cell.angle_alpha   90.00
_cell.angle_beta   90.00
_cell.angle_gamma   120.00
#
_symmetry.space_group_name_H-M   'P 32 2 1'
#
loop_
_entity.id
_entity.type
_entity.pdbx_description
1 polymer 'Cytochrome P450 19A1'
2 non-polymer 'PROTOPORPHYRIN IX CONTAINING FE'
3 non-polymer (6alpha,8alpha)-6-(pent-2-yn-1-yloxy)androsta-1,4-diene-3,17-dione
#
_entity_poly.entity_id   1
_entity_poly.type   'polypeptide(L)'
_entity_poly.pdbx_seq_one_letter_code
;MVLEMLNPIHYNITSIVPEAMPAATMPVLLLTGLFLLVWNYEGTSSIPGPGYCMGIGPLISHGRFLWMGIGSACNYYNRV
YGEFMRVWISGEETLIISKSSSMFHIMKHNHYSSRFGSKLGLQCIGMHEKGIIFNNNPELWKTTRPFFMKALSGPGLVRM
VTVCAESLKTHLDRLEEVTNESGYVDVLTLLRRVMLDTSNTLFLRIPLDESAIVVKIQGYFDAWQALLIKPDIFFKISWL
YKKYEKSVKDLKDAIEVLIAEKRRRISTEEKLEECMDFATELILAEKRGDLTRENVNQCILEMLIAAPDTMSVSLFFMLF
LIAKHPNVEEAIIKEIQTVIGERDIKIDDIQKLKVMENFIYESMRYQPVVDLVMRKALEDDVIDGYPVKKGTNIILNIGR
MHRLEFFPKPNEFTLENFAKNVPYRYFQPFGFGPRGCAGKYIAMVMMKAILVTLLRRFHVKTLQGQCVESIQKIHDLSLH
PDETKNMLEMIFTPRNSDRCLEH
;
_entity_poly.pdbx_strand_id   A
#
# COMPACT_ATOMS: atom_id res chain seq x y z
N SER A 45 -28.43 13.93 -14.69
CA SER A 45 -28.84 12.51 -14.89
C SER A 45 -29.44 11.89 -13.60
N SER A 46 -29.19 12.53 -12.46
CA SER A 46 -29.68 12.13 -11.10
C SER A 46 -29.13 10.81 -10.52
N ILE A 47 -29.05 10.76 -9.19
CA ILE A 47 -28.10 9.87 -8.51
C ILE A 47 -28.68 8.56 -7.92
N PRO A 48 -28.09 7.39 -8.27
CA PRO A 48 -28.47 6.09 -7.67
C PRO A 48 -28.07 5.96 -6.19
N GLY A 49 -28.56 4.92 -5.51
CA GLY A 49 -28.27 4.72 -4.09
C GLY A 49 -29.51 4.56 -3.24
N PRO A 50 -29.38 4.00 -2.01
CA PRO A 50 -30.56 3.67 -1.22
C PRO A 50 -31.37 4.90 -0.87
N GLY A 51 -32.66 4.69 -0.60
CA GLY A 51 -33.54 5.77 -0.17
C GLY A 51 -32.99 6.46 1.06
N TYR A 52 -32.99 7.78 1.02
CA TYR A 52 -32.71 8.59 2.20
C TYR A 52 -33.96 8.55 3.07
N CYS A 53 -33.84 7.99 4.27
CA CYS A 53 -35.00 7.66 5.09
C CYS A 53 -35.40 8.70 6.12
N MET A 54 -35.04 9.96 5.86
CA MET A 54 -35.20 11.04 6.83
C MET A 54 -34.56 10.68 8.17
N GLY A 55 -33.23 10.68 8.20
CA GLY A 55 -32.48 10.34 9.41
C GLY A 55 -31.88 8.95 9.37
N ILE A 56 -32.56 8.03 8.67
CA ILE A 56 -32.12 6.63 8.61
C ILE A 56 -31.29 6.32 7.34
N GLY A 57 -31.53 7.07 6.25
CA GLY A 57 -30.72 6.96 5.04
C GLY A 57 -29.23 6.70 5.29
N PRO A 58 -28.54 7.68 5.91
CA PRO A 58 -27.16 7.53 6.40
C PRO A 58 -26.97 6.40 7.40
N LEU A 59 -27.86 6.32 8.39
CA LEU A 59 -27.61 5.46 9.54
C LEU A 59 -27.45 3.97 9.27
N ILE A 60 -28.17 3.45 8.29
CA ILE A 60 -27.93 2.08 7.82
C ILE A 60 -26.52 1.95 7.20
N SER A 61 -26.33 2.60 6.05
CA SER A 61 -25.10 2.46 5.28
C SER A 61 -23.86 2.70 6.11
N HIS A 62 -23.80 3.80 6.85
CA HIS A 62 -22.64 4.06 7.68
C HIS A 62 -22.40 2.85 8.55
N GLY A 63 -23.42 2.47 9.32
CA GLY A 63 -23.32 1.31 10.19
C GLY A 63 -22.85 0.10 9.42
N ARG A 64 -23.31 -0.02 8.18
CA ARG A 64 -23.04 -1.19 7.35
C ARG A 64 -21.56 -1.27 6.98
N PHE A 65 -21.00 -0.11 6.64
CA PHE A 65 -19.56 0.04 6.40
C PHE A 65 -18.80 -0.33 7.64
N LEU A 66 -19.41 -0.08 8.80
CA LEU A 66 -18.78 -0.40 10.06
C LEU A 66 -18.76 -1.89 10.34
N TRP A 67 -19.91 -2.56 10.30
CA TRP A 67 -19.95 -4.00 10.61
C TRP A 67 -19.41 -4.83 9.45
N MET A 68 -19.57 -4.36 8.22
CA MET A 68 -19.02 -5.07 7.07
C MET A 68 -17.49 -4.99 6.95
N GLY A 69 -16.95 -3.77 7.04
CA GLY A 69 -15.55 -3.51 6.70
C GLY A 69 -15.53 -2.84 5.34
N ILE A 70 -14.99 -1.61 5.29
CA ILE A 70 -15.11 -0.75 4.11
C ILE A 70 -15.07 -1.51 2.80
N GLY A 71 -13.95 -2.21 2.57
CA GLY A 71 -13.72 -2.94 1.33
C GLY A 71 -14.92 -3.66 0.75
N SER A 72 -15.55 -4.52 1.57
CA SER A 72 -16.66 -5.33 1.10
C SER A 72 -17.94 -4.51 0.98
N ALA A 73 -18.06 -3.45 1.78
CA ALA A 73 -19.24 -2.56 1.72
C ALA A 73 -19.41 -1.94 0.33
N CYS A 74 -18.29 -1.50 -0.27
CA CYS A 74 -18.29 -0.98 -1.63
C CYS A 74 -18.53 -2.11 -2.62
N ASN A 75 -17.74 -3.18 -2.50
CA ASN A 75 -17.94 -4.40 -3.29
C ASN A 75 -19.38 -4.92 -3.22
N TYR A 76 -20.11 -4.49 -2.20
CA TYR A 76 -21.52 -4.81 -2.06
C TYR A 76 -22.41 -3.74 -2.72
N TYR A 77 -22.32 -2.51 -2.21
CA TYR A 77 -23.15 -1.40 -2.67
C TYR A 77 -23.01 -1.15 -4.17
N ASN A 78 -21.92 -1.66 -4.74
CA ASN A 78 -21.63 -1.52 -6.17
C ASN A 78 -22.34 -2.54 -7.04
N ARG A 79 -22.71 -3.66 -6.43
CA ARG A 79 -23.40 -4.72 -7.14
C ARG A 79 -24.91 -4.54 -7.00
N VAL A 80 -25.35 -3.95 -5.87
CA VAL A 80 -26.76 -3.70 -5.58
C VAL A 80 -27.37 -2.56 -6.44
N TYR A 81 -26.68 -1.44 -6.51
CA TYR A 81 -27.02 -0.38 -7.47
C TYR A 81 -25.91 -0.33 -8.51
N GLY A 82 -25.84 0.73 -9.31
CA GLY A 82 -24.86 0.82 -10.39
C GLY A 82 -23.37 0.79 -10.01
N GLU A 83 -22.54 0.91 -11.04
CA GLU A 83 -21.09 1.07 -10.87
C GLU A 83 -20.79 2.52 -10.47
N PHE A 84 -21.84 3.23 -10.06
CA PHE A 84 -21.80 4.62 -9.68
C PHE A 84 -23.01 4.82 -8.82
N MET A 85 -22.80 5.05 -7.53
CA MET A 85 -23.92 5.20 -6.63
C MET A 85 -23.59 6.12 -5.44
N ARG A 86 -24.45 6.20 -4.44
CA ARG A 86 -24.22 7.11 -3.31
C ARG A 86 -24.66 6.55 -1.97
N VAL A 87 -23.79 6.71 -0.99
CA VAL A 87 -24.01 6.25 0.38
C VAL A 87 -23.74 7.43 1.32
N TRP A 88 -23.86 7.19 2.63
CA TRP A 88 -23.60 8.22 3.63
C TRP A 88 -22.67 7.72 4.74
N ILE A 89 -21.39 8.04 4.62
CA ILE A 89 -20.45 7.83 5.71
C ILE A 89 -20.30 9.14 6.48
N SER A 90 -20.61 9.08 7.77
CA SER A 90 -20.91 10.25 8.60
C SER A 90 -22.03 11.07 7.98
N GLY A 91 -22.07 12.38 8.25
CA GLY A 91 -23.08 13.23 7.64
C GLY A 91 -22.96 13.22 6.13
N GLU A 92 -21.74 13.47 5.67
CA GLU A 92 -21.42 13.78 4.27
C GLU A 92 -21.74 12.67 3.26
N GLU A 93 -22.27 13.12 2.12
CA GLU A 93 -22.48 12.27 0.95
C GLU A 93 -21.16 11.68 0.53
N THR A 94 -21.22 10.48 -0.01
CA THR A 94 -20.04 9.82 -0.53
C THR A 94 -20.36 8.95 -1.74
N LEU A 95 -19.66 9.20 -2.84
CA LEU A 95 -19.88 8.43 -4.05
C LEU A 95 -18.97 7.24 -4.05
N ILE A 96 -19.52 6.08 -4.35
CA ILE A 96 -18.69 4.91 -4.54
C ILE A 96 -18.80 4.47 -6.01
N ILE A 97 -17.67 4.45 -6.70
CA ILE A 97 -17.62 4.38 -8.17
C ILE A 97 -16.68 3.29 -8.69
N SER A 98 -17.07 2.64 -9.79
CA SER A 98 -16.20 1.67 -10.45
C SER A 98 -16.11 1.79 -11.98
N LYS A 99 -16.96 2.62 -12.59
CA LYS A 99 -16.90 2.88 -14.06
C LYS A 99 -15.55 3.48 -14.46
N SER A 100 -14.82 2.82 -15.37
CA SER A 100 -13.47 3.27 -15.70
C SER A 100 -13.39 4.70 -16.23
N SER A 101 -14.48 5.16 -16.83
CA SER A 101 -14.61 6.55 -17.30
C SER A 101 -14.61 7.56 -16.15
N SER A 102 -15.44 7.31 -15.14
CA SER A 102 -15.48 8.13 -13.93
C SER A 102 -14.15 8.11 -13.21
N MET A 103 -13.59 6.91 -13.05
CA MET A 103 -12.30 6.72 -12.43
C MET A 103 -11.32 7.71 -13.02
N PHE A 104 -11.02 7.50 -14.30
CA PHE A 104 -10.03 8.27 -15.00
C PHE A 104 -10.19 9.77 -14.81
N HIS A 105 -11.42 10.24 -14.95
CA HIS A 105 -11.79 11.64 -14.81
C HIS A 105 -11.30 12.20 -13.49
N ILE A 106 -11.50 11.46 -12.41
CA ILE A 106 -11.21 11.94 -11.06
C ILE A 106 -9.70 12.04 -10.79
N MET A 107 -8.95 10.98 -11.11
CA MET A 107 -7.52 10.93 -10.81
C MET A 107 -6.72 11.91 -11.63
N LYS A 108 -7.35 12.47 -12.66
CA LYS A 108 -6.67 13.22 -13.72
C LYS A 108 -6.62 14.72 -13.50
N HIS A 109 -7.76 15.35 -13.23
CA HIS A 109 -7.80 16.80 -12.96
C HIS A 109 -7.31 17.10 -11.54
N ASN A 110 -6.86 18.33 -11.31
CA ASN A 110 -6.25 18.63 -10.02
C ASN A 110 -7.20 18.79 -8.83
N HIS A 111 -8.41 19.27 -9.09
CA HIS A 111 -9.43 19.49 -8.03
C HIS A 111 -9.94 18.23 -7.29
N TYR A 112 -9.19 17.13 -7.40
CA TYR A 112 -9.50 15.88 -6.72
C TYR A 112 -8.39 15.35 -5.82
N SER A 113 -7.24 16.01 -5.85
CA SER A 113 -6.07 15.66 -5.03
C SER A 113 -6.29 15.95 -3.54
N SER A 114 -7.12 15.13 -2.90
CA SER A 114 -7.36 15.15 -1.45
C SER A 114 -8.16 13.92 -1.08
N ARG A 115 -7.94 13.40 0.11
CA ARG A 115 -8.68 12.24 0.55
C ARG A 115 -9.64 12.69 1.64
N PHE A 116 -10.17 11.75 2.40
CA PHE A 116 -11.09 12.08 3.47
C PHE A 116 -10.96 11.13 4.66
N GLY A 117 -11.75 11.37 5.69
CA GLY A 117 -11.79 10.53 6.89
C GLY A 117 -11.99 11.30 8.18
N SER A 118 -12.57 10.63 9.18
CA SER A 118 -12.83 11.28 10.47
C SER A 118 -11.65 12.09 10.98
N LYS A 119 -11.82 13.41 11.01
CA LYS A 119 -10.79 14.34 11.51
C LYS A 119 -10.17 13.89 12.84
N LEU A 120 -11.01 13.32 13.70
CA LEU A 120 -10.59 12.88 15.03
C LEU A 120 -9.74 11.61 14.97
N GLY A 121 -9.97 10.81 13.93
CA GLY A 121 -9.20 9.58 13.71
C GLY A 121 -7.81 9.90 13.19
N LEU A 122 -7.78 10.63 12.08
CA LEU A 122 -6.53 11.09 11.47
C LEU A 122 -5.72 11.87 12.49
N GLN A 123 -6.42 12.60 13.37
CA GLN A 123 -5.77 13.34 14.42
C GLN A 123 -5.08 12.41 15.40
N CYS A 124 -5.73 11.28 15.65
CA CYS A 124 -5.30 10.35 16.66
C CYS A 124 -4.09 9.55 16.21
N ILE A 125 -4.00 9.26 14.91
CA ILE A 125 -2.88 8.46 14.40
C ILE A 125 -1.75 9.32 13.86
N GLY A 126 -2.03 10.61 13.73
CA GLY A 126 -0.98 11.56 13.43
C GLY A 126 -1.04 12.21 12.07
N MET A 127 -1.92 11.72 11.20
CA MET A 127 -2.00 12.21 9.82
C MET A 127 -2.98 13.36 9.57
N HIS A 128 -3.48 14.01 10.62
CA HIS A 128 -4.34 15.19 10.43
C HIS A 128 -3.47 16.33 9.95
N GLU A 129 -3.50 16.54 8.64
CA GLU A 129 -2.75 17.62 8.00
C GLU A 129 -1.27 17.57 8.36
N LYS A 130 -0.69 16.39 8.31
CA LYS A 130 0.72 16.29 8.64
C LYS A 130 1.47 15.34 7.74
N GLY A 131 0.82 14.28 7.29
CA GLY A 131 1.53 13.29 6.50
C GLY A 131 1.61 13.66 5.03
N ILE A 132 1.51 12.65 4.19
CA ILE A 132 1.00 12.85 2.86
C ILE A 132 -0.12 11.88 2.59
N ILE A 133 0.09 10.60 2.92
CA ILE A 133 -0.89 9.56 2.56
C ILE A 133 -2.29 10.08 2.81
N PHE A 134 -2.51 10.66 3.99
CA PHE A 134 -3.82 11.17 4.34
C PHE A 134 -3.81 12.63 4.71
N ASN A 135 -2.77 13.34 4.32
CA ASN A 135 -2.76 14.77 4.49
C ASN A 135 -3.72 15.45 3.54
N ASN A 136 -4.60 16.26 4.11
CA ASN A 136 -5.68 16.81 3.33
C ASN A 136 -5.60 18.32 3.13
N ASN A 137 -4.55 18.95 3.65
CA ASN A 137 -4.39 20.41 3.48
C ASN A 137 -3.68 20.73 2.17
N PRO A 138 -4.46 21.07 1.11
CA PRO A 138 -3.89 20.96 -0.22
C PRO A 138 -2.62 21.77 -0.42
N GLU A 139 -2.45 22.90 0.30
CA GLU A 139 -1.21 23.69 0.20
C GLU A 139 -0.08 22.97 0.92
N LEU A 140 -0.39 22.52 2.14
CA LEU A 140 0.55 21.79 3.00
C LEU A 140 0.89 20.43 2.42
N TRP A 141 -0.10 19.77 1.83
CA TRP A 141 0.16 18.55 1.06
C TRP A 141 1.08 18.84 -0.12
N LYS A 142 0.76 19.88 -0.89
CA LYS A 142 1.50 20.18 -2.10
C LYS A 142 2.95 20.48 -1.84
N THR A 143 3.24 21.03 -0.66
CA THR A 143 4.61 21.37 -0.30
C THR A 143 5.43 20.19 0.22
N THR A 144 4.77 19.08 0.53
CA THR A 144 5.48 17.93 1.10
C THR A 144 5.72 16.87 0.08
N ARG A 145 4.67 16.52 -0.65
CA ARG A 145 4.77 15.49 -1.66
C ARG A 145 6.06 15.62 -2.51
N PRO A 146 6.45 16.86 -2.90
CA PRO A 146 7.76 16.99 -3.52
C PRO A 146 8.81 16.05 -2.94
N PHE A 147 8.99 16.06 -1.62
CA PHE A 147 10.08 15.34 -0.97
C PHE A 147 10.00 13.86 -1.17
N PHE A 148 8.80 13.31 -1.08
CA PHE A 148 8.59 11.90 -1.33
C PHE A 148 8.87 11.62 -2.80
N MET A 149 8.15 12.31 -3.69
CA MET A 149 8.31 12.17 -5.13
C MET A 149 9.77 12.17 -5.55
N LYS A 150 10.56 12.92 -4.80
CA LYS A 150 11.98 13.13 -5.10
C LYS A 150 12.80 11.86 -4.84
N ALA A 151 12.74 11.35 -3.60
CA ALA A 151 13.57 10.23 -3.15
C ALA A 151 13.12 8.84 -3.64
N LEU A 152 11.88 8.75 -4.12
CA LEU A 152 11.33 7.53 -4.70
C LEU A 152 11.44 7.53 -6.24
N SER A 153 12.52 8.12 -6.76
CA SER A 153 12.87 8.11 -8.20
C SER A 153 14.32 8.58 -8.50
N GLY A 154 14.76 8.36 -9.74
CA GLY A 154 16.06 8.85 -10.22
C GLY A 154 17.29 8.20 -9.60
N PRO A 155 18.01 8.92 -8.73
CA PRO A 155 19.26 8.38 -8.19
C PRO A 155 19.03 7.16 -7.27
N GLY A 156 18.04 7.28 -6.38
CA GLY A 156 17.75 6.27 -5.39
C GLY A 156 16.93 5.10 -5.91
N LEU A 157 16.51 5.16 -7.17
CA LEU A 157 15.79 4.05 -7.74
C LEU A 157 16.74 3.06 -8.40
N VAL A 158 17.95 3.51 -8.68
CA VAL A 158 19.04 2.64 -9.12
C VAL A 158 19.68 1.96 -7.90
N ARG A 159 19.83 2.71 -6.81
CA ARG A 159 20.35 2.18 -5.54
C ARG A 159 19.43 1.17 -4.85
N MET A 160 18.14 1.23 -5.18
CA MET A 160 17.13 0.34 -4.59
C MET A 160 17.29 -1.09 -5.07
N VAL A 161 17.25 -1.30 -6.38
CA VAL A 161 17.34 -2.63 -6.93
C VAL A 161 18.59 -3.37 -6.49
N THR A 162 19.51 -2.68 -5.85
CA THR A 162 20.68 -3.36 -5.34
C THR A 162 20.71 -3.48 -3.80
N VAL A 163 20.02 -2.56 -3.11
CA VAL A 163 19.83 -2.64 -1.65
C VAL A 163 18.67 -3.57 -1.31
N CYS A 164 17.79 -3.78 -2.30
CA CYS A 164 16.67 -4.69 -2.18
C CYS A 164 17.15 -6.13 -2.25
N ALA A 165 18.10 -6.39 -3.14
CA ALA A 165 18.71 -7.71 -3.26
C ALA A 165 19.60 -8.01 -2.08
N GLU A 166 20.10 -6.96 -1.44
CA GLU A 166 20.99 -7.12 -0.32
C GLU A 166 20.27 -7.52 0.95
N SER A 167 19.16 -6.84 1.23
CA SER A 167 18.43 -7.07 2.48
C SER A 167 17.73 -8.43 2.46
N LEU A 168 17.22 -8.84 1.30
CA LEU A 168 16.62 -10.17 1.18
C LEU A 168 17.66 -11.27 1.19
N LYS A 169 18.83 -11.00 0.60
CA LYS A 169 19.96 -11.95 0.61
C LYS A 169 20.42 -12.23 2.01
N THR A 170 20.64 -11.17 2.78
CA THR A 170 21.15 -11.32 4.12
C THR A 170 20.18 -12.07 5.05
N HIS A 171 18.87 -11.90 4.82
CA HIS A 171 17.84 -12.54 5.64
C HIS A 171 17.51 -13.94 5.19
N LEU A 172 18.18 -14.40 4.14
CA LEU A 172 17.97 -15.78 3.71
C LEU A 172 19.11 -16.69 4.21
N ASP A 173 20.15 -16.08 4.76
CA ASP A 173 21.19 -16.83 5.45
C ASP A 173 20.88 -16.70 6.93
N ARG A 174 19.61 -16.88 7.23
CA ARG A 174 19.02 -16.51 8.50
C ARG A 174 17.54 -16.95 8.57
N LEU A 175 17.19 -18.00 7.84
CA LEU A 175 15.84 -18.60 7.94
C LEU A 175 15.56 -19.15 9.34
N GLU A 176 16.63 -19.28 10.12
CA GLU A 176 16.54 -19.72 11.49
C GLU A 176 15.67 -18.78 12.31
N GLU A 177 15.20 -17.69 11.72
CA GLU A 177 14.43 -16.67 12.45
C GLU A 177 12.95 -16.71 12.14
N VAL A 178 12.56 -17.54 11.18
CA VAL A 178 11.24 -17.48 10.61
C VAL A 178 10.66 -18.88 10.33
N THR A 179 11.51 -19.90 10.48
CA THR A 179 11.12 -21.28 10.19
C THR A 179 10.60 -22.07 11.43
N ASN A 180 9.51 -22.81 11.23
CA ASN A 180 8.94 -23.72 12.23
C ASN A 180 9.96 -24.77 12.67
N GLU A 181 9.57 -25.69 13.54
CA GLU A 181 10.31 -26.94 13.63
C GLU A 181 10.10 -27.81 12.36
N SER A 182 8.84 -28.04 12.00
CA SER A 182 8.51 -28.82 10.80
C SER A 182 8.81 -28.04 9.50
N GLY A 183 9.70 -27.05 9.62
CA GLY A 183 10.22 -26.31 8.47
C GLY A 183 9.31 -25.28 7.82
N TYR A 184 8.23 -24.89 8.50
CA TYR A 184 7.30 -23.89 7.97
C TYR A 184 7.82 -22.47 8.15
N VAL A 185 8.11 -21.78 7.05
CA VAL A 185 8.42 -20.35 7.14
C VAL A 185 7.16 -19.50 7.17
N ASP A 186 7.19 -18.57 8.11
CA ASP A 186 6.20 -17.53 8.27
C ASP A 186 6.60 -16.43 7.27
N VAL A 187 6.14 -16.58 6.04
CA VAL A 187 6.60 -15.73 4.95
C VAL A 187 6.43 -14.25 5.30
N LEU A 188 5.22 -13.87 5.71
CA LEU A 188 4.89 -12.49 6.03
C LEU A 188 5.92 -11.72 6.84
N THR A 189 6.39 -12.31 7.92
CA THR A 189 7.32 -11.61 8.80
C THR A 189 8.73 -11.68 8.26
N LEU A 190 8.94 -12.52 7.25
CA LEU A 190 10.19 -12.42 6.56
C LEU A 190 10.12 -11.18 5.70
N LEU A 191 9.09 -11.08 4.88
CA LEU A 191 8.92 -9.92 4.01
C LEU A 191 8.92 -8.65 4.84
N ARG A 192 7.98 -8.53 5.78
CA ARG A 192 7.92 -7.37 6.65
C ARG A 192 9.29 -6.96 7.19
N ARG A 193 10.11 -7.94 7.53
CA ARG A 193 11.42 -7.63 8.10
C ARG A 193 12.37 -7.01 7.07
N VAL A 194 12.50 -7.65 5.90
CA VAL A 194 13.43 -7.17 4.87
C VAL A 194 12.93 -5.89 4.22
N MET A 195 11.61 -5.81 4.07
CA MET A 195 10.96 -4.67 3.42
C MET A 195 11.21 -3.40 4.20
N LEU A 196 11.17 -3.52 5.52
CA LEU A 196 11.46 -2.41 6.41
C LEU A 196 12.94 -2.08 6.41
N ASP A 197 13.78 -3.10 6.36
CA ASP A 197 15.21 -2.85 6.36
C ASP A 197 15.70 -2.23 5.04
N THR A 198 15.11 -2.68 3.94
CA THR A 198 15.21 -1.98 2.67
C THR A 198 14.85 -0.51 2.88
N SER A 199 13.63 -0.25 3.37
CA SER A 199 13.14 1.11 3.62
C SER A 199 14.12 1.90 4.47
N ASN A 200 14.60 1.32 5.56
CA ASN A 200 15.58 2.02 6.37
C ASN A 200 16.79 2.43 5.56
N THR A 201 17.62 1.45 5.18
CA THR A 201 18.91 1.74 4.52
C THR A 201 18.83 2.67 3.29
N LEU A 202 17.65 2.80 2.71
CA LEU A 202 17.49 3.75 1.62
C LEU A 202 17.23 5.16 2.12
N PHE A 203 16.17 5.34 2.91
CA PHE A 203 15.67 6.67 3.27
C PHE A 203 16.23 7.28 4.54
N LEU A 204 16.58 6.44 5.52
CA LEU A 204 16.96 6.93 6.84
C LEU A 204 18.35 6.46 7.30
N ARG A 205 18.66 5.18 7.01
CA ARG A 205 19.86 4.46 7.47
C ARG A 205 20.37 4.81 8.88
N ILE A 206 19.67 4.27 9.87
CA ILE A 206 20.04 4.39 11.28
C ILE A 206 19.86 3.00 11.91
N PRO A 207 20.95 2.40 12.42
CA PRO A 207 20.84 1.14 13.18
C PRO A 207 19.61 1.09 14.12
N LEU A 208 18.75 0.09 13.89
CA LEU A 208 17.43 -0.07 14.58
C LEU A 208 17.17 -1.52 15.00
N ASP A 209 16.10 -1.75 15.75
CA ASP A 209 15.69 -3.11 16.10
C ASP A 209 14.66 -3.65 15.13
N GLU A 210 15.10 -4.53 14.24
CA GLU A 210 14.26 -5.03 13.17
C GLU A 210 12.98 -5.66 13.69
N SER A 211 13.15 -6.71 14.51
CA SER A 211 12.06 -7.52 15.01
C SER A 211 11.01 -6.70 15.75
N ALA A 212 11.47 -5.82 16.64
CA ALA A 212 10.57 -5.06 17.52
C ALA A 212 9.67 -4.11 16.74
N ILE A 213 10.28 -3.39 15.79
CA ILE A 213 9.57 -2.36 15.04
C ILE A 213 8.50 -2.98 14.14
N VAL A 214 8.82 -4.09 13.48
CA VAL A 214 7.88 -4.78 12.59
C VAL A 214 6.49 -4.97 13.21
N VAL A 215 6.45 -5.35 14.49
CA VAL A 215 5.18 -5.54 15.17
C VAL A 215 4.51 -4.20 15.38
N LYS A 216 5.28 -3.23 15.88
CA LYS A 216 4.74 -1.93 16.20
C LYS A 216 4.08 -1.28 15.00
N ILE A 217 4.74 -1.37 13.83
CA ILE A 217 4.17 -0.90 12.57
C ILE A 217 2.88 -1.62 12.28
N GLN A 218 2.85 -2.91 12.61
CA GLN A 218 1.64 -3.72 12.43
C GLN A 218 0.51 -3.31 13.36
N GLY A 219 0.86 -2.89 14.57
CA GLY A 219 -0.10 -2.39 15.54
C GLY A 219 -0.64 -1.03 15.15
N TYR A 220 0.22 -0.25 14.53
CA TYR A 220 -0.13 1.04 13.96
C TYR A 220 -1.15 0.85 12.85
N PHE A 221 -0.82 0.03 11.85
CA PHE A 221 -1.74 -0.12 10.75
C PHE A 221 -3.12 -0.51 11.25
N ASP A 222 -3.17 -1.40 12.25
CA ASP A 222 -4.46 -1.77 12.85
C ASP A 222 -5.30 -0.54 13.17
N ALA A 223 -4.71 0.35 13.98
CA ALA A 223 -5.37 1.55 14.48
C ALA A 223 -5.85 2.41 13.35
N TRP A 224 -4.91 2.89 12.55
CA TRP A 224 -5.19 3.59 11.32
C TRP A 224 -6.45 3.03 10.66
N GLN A 225 -6.50 1.71 10.53
CA GLN A 225 -7.56 1.02 9.85
C GLN A 225 -8.88 1.11 10.61
N ALA A 226 -8.78 1.07 11.94
CA ALA A 226 -9.96 1.16 12.82
C ALA A 226 -10.58 2.56 12.78
N LEU A 227 -9.84 3.54 13.32
CA LEU A 227 -10.32 4.90 13.56
C LEU A 227 -10.58 5.79 12.32
N LEU A 228 -10.44 5.24 11.11
CA LEU A 228 -10.48 6.05 9.91
C LEU A 228 -11.84 6.64 9.66
N ILE A 229 -12.87 5.84 9.89
CA ILE A 229 -14.24 6.30 9.67
C ILE A 229 -15.17 6.04 10.87
N LYS A 230 -14.58 5.89 12.05
CA LYS A 230 -15.37 5.78 13.29
C LYS A 230 -16.00 7.14 13.63
N PRO A 231 -17.35 7.21 13.58
CA PRO A 231 -18.14 8.44 13.76
C PRO A 231 -17.95 9.04 15.14
N ASP A 232 -18.07 10.37 15.21
CA ASP A 232 -17.49 11.16 16.30
C ASP A 232 -17.92 10.78 17.73
N ILE A 233 -19.11 10.19 17.84
CA ILE A 233 -19.62 9.65 19.12
C ILE A 233 -18.67 8.60 19.72
N PHE A 234 -18.06 7.79 18.84
CA PHE A 234 -17.09 6.76 19.20
C PHE A 234 -16.01 7.32 20.12
N PHE A 235 -15.52 8.51 19.79
CA PHE A 235 -14.35 9.08 20.42
C PHE A 235 -14.60 9.64 21.81
N LYS A 236 -15.85 9.60 22.25
CA LYS A 236 -16.18 10.07 23.60
C LYS A 236 -15.94 8.99 24.65
N ILE A 237 -16.48 7.78 24.45
CA ILE A 237 -16.23 6.62 25.34
C ILE A 237 -14.79 6.14 25.28
N SER A 238 -13.93 6.80 26.06
CA SER A 238 -12.49 6.57 26.00
C SER A 238 -12.08 5.11 26.25
N TRP A 239 -12.72 4.46 27.24
CA TRP A 239 -12.49 3.02 27.51
C TRP A 239 -12.93 2.12 26.34
N LEU A 240 -12.81 2.64 25.12
CA LEU A 240 -13.17 1.93 23.90
C LEU A 240 -12.09 2.07 22.80
N TYR A 241 -11.18 3.03 22.98
CA TYR A 241 -10.19 3.30 21.95
C TYR A 241 -8.76 3.59 22.41
N LYS A 242 -8.52 3.89 23.69
CA LYS A 242 -7.11 4.10 24.12
C LYS A 242 -6.33 2.80 23.90
N LYS A 243 -7.10 1.72 23.81
CA LYS A 243 -6.77 0.48 23.10
C LYS A 243 -5.70 0.75 22.04
N TYR A 244 -6.13 1.43 20.97
CA TYR A 244 -5.31 1.79 19.80
C TYR A 244 -4.41 2.97 20.11
N GLU A 245 -4.98 3.99 20.72
CA GLU A 245 -4.27 5.23 21.03
C GLU A 245 -2.95 5.02 21.78
N LYS A 246 -2.74 3.84 22.35
CA LYS A 246 -1.44 3.57 22.98
C LYS A 246 -0.45 2.89 22.03
N SER A 247 -0.92 1.95 21.19
CA SER A 247 -0.05 1.31 20.18
C SER A 247 0.38 2.23 19.03
N VAL A 248 -0.19 3.45 19.02
CA VAL A 248 0.23 4.55 18.17
C VAL A 248 1.44 5.23 18.80
N LYS A 249 1.25 5.78 20.00
CA LYS A 249 2.34 6.38 20.74
C LYS A 249 3.47 5.36 20.92
N ASP A 250 3.13 4.06 20.84
CA ASP A 250 4.13 2.98 20.90
C ASP A 250 5.17 3.08 19.80
N LEU A 251 4.70 3.10 18.55
CA LEU A 251 5.56 3.29 17.39
C LEU A 251 6.13 4.70 17.35
N LYS A 252 5.25 5.69 17.50
CA LYS A 252 5.64 7.11 17.43
C LYS A 252 6.79 7.47 18.36
N ASP A 253 6.76 6.97 19.59
CA ASP A 253 7.80 7.26 20.57
C ASP A 253 9.08 6.50 20.23
N ALA A 254 8.91 5.35 19.58
CA ALA A 254 10.03 4.49 19.20
C ALA A 254 10.81 5.04 18.01
N ILE A 255 10.13 5.81 17.17
CA ILE A 255 10.79 6.48 16.05
C ILE A 255 11.46 7.77 16.49
N GLU A 256 10.83 8.51 17.39
CA GLU A 256 11.41 9.74 17.92
C GLU A 256 12.82 9.51 18.44
N VAL A 257 13.09 8.27 18.85
CA VAL A 257 14.40 7.79 19.29
C VAL A 257 15.42 7.81 18.15
N LEU A 258 14.97 7.30 17.00
CA LEU A 258 15.80 7.22 15.79
C LEU A 258 16.16 8.59 15.26
N ILE A 259 15.15 9.44 15.04
CA ILE A 259 15.37 10.77 14.44
C ILE A 259 16.15 11.71 15.36
N ALA A 260 16.03 11.52 16.68
CA ALA A 260 16.87 12.25 17.62
C ALA A 260 18.34 11.96 17.28
N GLU A 261 18.63 10.68 17.01
CA GLU A 261 19.97 10.23 16.59
C GLU A 261 20.33 10.76 15.20
N LYS A 262 19.47 10.54 14.21
CA LYS A 262 19.74 11.02 12.86
C LYS A 262 20.00 12.53 12.84
N ARG A 263 19.40 13.26 13.77
CA ARG A 263 19.63 14.70 13.88
C ARG A 263 21.06 15.05 14.32
N ARG A 264 21.55 14.37 15.34
CA ARG A 264 22.89 14.62 15.83
C ARG A 264 23.97 14.28 14.82
N ARG A 265 23.81 13.14 14.13
CA ARG A 265 24.76 12.74 13.09
C ARG A 265 24.88 13.78 11.99
N ILE A 266 23.83 14.57 11.80
CA ILE A 266 23.83 15.63 10.81
C ILE A 266 24.67 16.83 11.26
N SER A 267 24.48 17.27 12.50
CA SER A 267 25.18 18.45 13.01
C SER A 267 26.68 18.27 13.34
N THR A 268 27.22 17.07 13.06
CA THR A 268 28.68 16.80 13.13
C THR A 268 29.11 15.84 12.01
N GLU A 269 29.57 16.40 10.90
CA GLU A 269 29.56 15.70 9.61
C GLU A 269 30.78 15.95 8.68
N GLU A 270 31.02 14.97 7.80
CA GLU A 270 31.95 15.05 6.65
C GLU A 270 31.28 15.71 5.41
N LYS A 271 31.05 17.02 5.50
CA LYS A 271 30.49 17.91 4.43
C LYS A 271 29.19 17.47 3.69
N LEU A 272 28.13 18.24 3.93
CA LEU A 272 26.72 17.81 3.70
C LEU A 272 26.28 17.12 2.37
N GLU A 273 26.46 17.81 1.23
CA GLU A 273 26.02 17.34 -0.12
C GLU A 273 26.48 15.91 -0.56
N GLU A 274 27.45 15.35 0.18
CA GLU A 274 28.00 14.01 -0.05
C GLU A 274 26.91 12.96 -0.30
N CYS A 275 25.94 12.92 0.61
CA CYS A 275 25.01 11.79 0.76
C CYS A 275 23.58 12.24 1.12
N MET A 276 22.82 12.72 0.13
CA MET A 276 21.47 13.23 0.40
C MET A 276 20.41 12.12 0.46
N ASP A 277 19.66 12.09 1.55
CA ASP A 277 18.66 11.04 1.77
C ASP A 277 17.36 11.60 2.34
N PHE A 278 16.25 10.96 1.99
CA PHE A 278 14.91 11.43 2.38
C PHE A 278 14.81 11.97 3.80
N ALA A 279 15.67 11.49 4.70
CA ALA A 279 15.66 12.00 6.05
C ALA A 279 16.23 13.40 6.01
N THR A 280 17.48 13.50 5.60
CA THR A 280 18.21 14.75 5.67
C THR A 280 17.53 15.86 4.88
N GLU A 281 17.08 15.54 3.67
CA GLU A 281 16.39 16.53 2.84
C GLU A 281 15.29 17.21 3.64
N LEU A 282 14.71 16.47 4.59
CA LEU A 282 13.61 16.96 5.41
C LEU A 282 14.12 17.80 6.57
N ILE A 283 15.04 17.22 7.36
CA ILE A 283 15.56 17.89 8.54
C ILE A 283 16.25 19.18 8.17
N LEU A 284 16.81 19.23 6.96
CA LEU A 284 17.38 20.47 6.46
C LEU A 284 16.30 21.47 6.08
N ALA A 285 15.27 21.02 5.37
CA ALA A 285 14.13 21.89 5.11
C ALA A 285 13.65 22.51 6.42
N GLU A 286 13.63 21.72 7.51
CA GLU A 286 13.25 22.20 8.86
C GLU A 286 14.21 23.27 9.41
N LYS A 287 15.50 23.08 9.12
CA LYS A 287 16.54 24.03 9.47
C LYS A 287 16.53 25.26 8.56
N ARG A 288 15.54 25.35 7.68
CA ARG A 288 15.19 26.64 7.08
C ARG A 288 13.82 26.95 7.68
N GLY A 289 12.95 27.61 6.93
CA GLY A 289 11.60 27.84 7.46
C GLY A 289 10.49 27.11 6.70
N ASP A 290 10.80 25.90 6.25
CA ASP A 290 9.92 25.22 5.31
C ASP A 290 9.02 24.18 5.95
N LEU A 291 9.36 23.68 7.13
CA LEU A 291 8.69 22.50 7.67
C LEU A 291 8.62 22.45 9.20
N THR A 292 7.46 22.08 9.75
CA THR A 292 7.29 21.87 11.19
C THR A 292 8.02 20.61 11.62
N ARG A 293 8.71 20.64 12.77
CA ARG A 293 9.32 19.41 13.29
C ARG A 293 8.26 18.34 13.46
N GLU A 294 7.10 18.73 13.98
CA GLU A 294 5.88 17.90 14.08
C GLU A 294 5.57 17.14 12.79
N ASN A 295 5.88 17.77 11.68
CA ASN A 295 5.45 17.38 10.35
C ASN A 295 6.50 16.50 9.73
N VAL A 296 7.75 16.78 10.04
CA VAL A 296 8.88 15.96 9.60
C VAL A 296 8.64 14.58 10.13
N ASN A 297 8.54 14.50 11.44
CA ASN A 297 8.50 13.22 12.12
C ASN A 297 7.40 12.29 11.59
N GLN A 298 6.30 12.86 11.13
CA GLN A 298 5.22 12.05 10.59
C GLN A 298 5.53 11.54 9.19
N CYS A 299 6.36 12.29 8.47
CA CYS A 299 6.77 11.92 7.10
C CYS A 299 7.82 10.81 7.13
N ILE A 300 8.79 10.96 8.01
CA ILE A 300 9.81 9.96 8.21
C ILE A 300 9.14 8.66 8.63
N LEU A 301 8.04 8.79 9.36
CA LEU A 301 7.22 7.65 9.75
C LEU A 301 6.40 7.15 8.59
N GLU A 302 5.69 8.03 7.90
CA GLU A 302 4.89 7.60 6.78
C GLU A 302 5.74 6.91 5.71
N MET A 303 7.06 7.10 5.77
CA MET A 303 7.98 6.49 4.80
C MET A 303 8.49 5.08 5.16
N LEU A 304 8.68 4.82 6.44
CA LEU A 304 9.13 3.51 6.90
C LEU A 304 8.03 2.46 6.94
N ILE A 305 6.82 2.88 7.31
CA ILE A 305 5.67 1.99 7.28
C ILE A 305 5.21 1.70 5.85
N ALA A 306 5.42 2.67 4.97
CA ALA A 306 4.92 2.65 3.60
C ALA A 306 5.13 1.33 2.86
N ALA A 307 6.38 0.88 2.78
CA ALA A 307 6.70 -0.36 2.08
C ALA A 307 6.23 -1.64 2.82
N PRO A 308 6.66 -1.83 4.10
CA PRO A 308 6.21 -2.97 4.90
C PRO A 308 4.72 -3.26 4.81
N ASP A 309 3.89 -2.28 5.07
CA ASP A 309 2.43 -2.43 4.94
C ASP A 309 2.02 -3.16 3.67
N THR A 310 2.48 -2.61 2.56
CA THR A 310 1.84 -2.79 1.28
C THR A 310 2.57 -3.81 0.43
N MET A 311 3.90 -3.82 0.55
CA MET A 311 4.72 -4.64 -0.31
C MET A 311 4.65 -6.07 0.12
N SER A 312 5.08 -6.31 1.36
CA SER A 312 5.06 -7.63 1.98
C SER A 312 3.74 -8.35 1.67
N VAL A 313 2.62 -7.73 2.00
CA VAL A 313 1.32 -8.34 1.78
C VAL A 313 1.06 -8.66 0.31
N SER A 314 1.56 -7.82 -0.60
CA SER A 314 1.42 -8.10 -2.03
C SER A 314 2.32 -9.25 -2.50
N LEU A 315 3.56 -9.27 -2.01
CA LEU A 315 4.50 -10.33 -2.34
C LEU A 315 4.13 -11.66 -1.72
N PHE A 316 3.41 -11.60 -0.61
CA PHE A 316 2.80 -12.80 -0.08
C PHE A 316 1.88 -13.37 -1.14
N PHE A 317 0.89 -12.58 -1.55
CA PHE A 317 -0.06 -13.02 -2.56
C PHE A 317 0.58 -13.56 -3.83
N MET A 318 1.71 -12.99 -4.23
CA MET A 318 2.42 -13.53 -5.39
C MET A 318 2.98 -14.90 -5.10
N LEU A 319 3.73 -15.00 -4.01
CA LEU A 319 4.36 -16.24 -3.62
C LEU A 319 3.40 -17.44 -3.49
N PHE A 320 2.13 -17.14 -3.28
CA PHE A 320 1.09 -18.17 -3.19
C PHE A 320 0.54 -18.50 -4.55
N LEU A 321 0.65 -17.56 -5.46
CA LEU A 321 0.14 -17.74 -6.79
C LEU A 321 1.15 -18.51 -7.60
N ILE A 322 2.43 -18.27 -7.32
CA ILE A 322 3.50 -19.03 -7.97
C ILE A 322 3.38 -20.50 -7.61
N ALA A 323 3.34 -20.81 -6.31
CA ALA A 323 3.19 -22.19 -5.88
C ALA A 323 2.04 -22.88 -6.61
N LYS A 324 0.82 -22.34 -6.51
CA LYS A 324 -0.35 -22.93 -7.20
C LYS A 324 -0.35 -22.89 -8.74
N HIS A 325 0.64 -22.25 -9.36
CA HIS A 325 0.74 -22.26 -10.83
C HIS A 325 2.10 -22.73 -11.30
N PRO A 326 2.16 -24.00 -11.71
CA PRO A 326 3.40 -24.76 -11.93
C PRO A 326 4.21 -24.32 -13.16
N ASN A 327 3.49 -24.06 -14.26
CA ASN A 327 4.04 -23.67 -15.55
C ASN A 327 4.43 -22.19 -15.61
N VAL A 328 3.66 -21.35 -14.93
CA VAL A 328 3.97 -19.93 -14.81
C VAL A 328 5.36 -19.78 -14.21
N GLU A 329 5.61 -20.50 -13.11
CA GLU A 329 6.87 -20.43 -12.39
C GLU A 329 8.08 -20.88 -13.22
N GLU A 330 7.85 -21.76 -14.18
CA GLU A 330 8.91 -22.18 -15.10
C GLU A 330 9.30 -21.02 -15.97
N ALA A 331 8.29 -20.44 -16.61
CA ALA A 331 8.48 -19.32 -17.53
C ALA A 331 9.33 -18.23 -16.89
N ILE A 332 9.17 -18.07 -15.57
CA ILE A 332 9.89 -17.04 -14.80
C ILE A 332 11.34 -17.40 -14.54
N ILE A 333 11.62 -18.68 -14.31
CA ILE A 333 13.01 -19.15 -14.16
C ILE A 333 13.74 -19.14 -15.51
N LYS A 334 13.02 -19.52 -16.57
CA LYS A 334 13.54 -19.48 -17.94
C LYS A 334 13.98 -18.05 -18.25
N GLU A 335 13.05 -17.10 -18.09
CA GLU A 335 13.35 -15.68 -18.21
C GLU A 335 14.52 -15.24 -17.31
N ILE A 336 14.63 -15.80 -16.10
CA ILE A 336 15.75 -15.47 -15.22
C ILE A 336 17.08 -16.00 -15.76
N GLN A 337 17.12 -17.29 -16.01
CA GLN A 337 18.32 -17.95 -16.53
C GLN A 337 18.85 -17.24 -17.75
N THR A 338 17.95 -16.94 -18.69
CA THR A 338 18.26 -16.23 -19.93
C THR A 338 18.97 -14.89 -19.70
N VAL A 339 18.32 -14.01 -18.96
CA VAL A 339 18.79 -12.64 -18.82
C VAL A 339 19.95 -12.48 -17.81
N ILE A 340 20.04 -13.39 -16.85
CA ILE A 340 20.97 -13.21 -15.72
C ILE A 340 21.84 -14.42 -15.33
N GLY A 341 21.32 -15.63 -15.57
CA GLY A 341 21.98 -16.86 -15.15
C GLY A 341 22.29 -16.81 -13.66
N GLU A 342 23.57 -16.69 -13.33
CA GLU A 342 24.01 -16.51 -11.94
C GLU A 342 24.86 -15.24 -11.76
N ARG A 343 24.45 -14.17 -12.44
CA ARG A 343 25.06 -12.88 -12.23
C ARG A 343 24.32 -12.18 -11.09
N ASP A 344 24.95 -11.16 -10.50
CA ASP A 344 24.27 -10.27 -9.56
C ASP A 344 23.15 -9.52 -10.25
N ILE A 345 22.11 -9.12 -9.51
CA ILE A 345 21.04 -8.33 -10.11
C ILE A 345 21.46 -6.85 -10.21
N LYS A 346 21.14 -6.22 -11.34
CA LYS A 346 21.49 -4.81 -11.56
C LYS A 346 20.41 -4.06 -12.37
N ILE A 347 20.41 -2.73 -12.27
CA ILE A 347 19.30 -1.89 -12.73
C ILE A 347 18.79 -2.18 -14.15
N ASP A 348 19.71 -2.40 -15.08
CA ASP A 348 19.43 -2.48 -16.52
C ASP A 348 18.54 -3.65 -16.91
N ASP A 349 18.50 -4.64 -16.04
CA ASP A 349 17.79 -5.87 -16.29
C ASP A 349 16.27 -5.72 -16.23
N ILE A 350 15.76 -4.86 -15.35
CA ILE A 350 14.33 -4.88 -15.02
C ILE A 350 13.38 -4.57 -16.18
N GLN A 351 13.88 -3.96 -17.24
CA GLN A 351 13.05 -3.79 -18.43
C GLN A 351 12.94 -5.09 -19.22
N LYS A 352 14.03 -5.86 -19.22
CA LYS A 352 14.17 -7.10 -19.98
C LYS A 352 13.30 -8.23 -19.43
N LEU A 353 13.10 -8.22 -18.11
CA LEU A 353 12.20 -9.16 -17.43
C LEU A 353 10.73 -8.81 -17.72
N LYS A 354 10.22 -9.27 -18.86
CA LYS A 354 8.89 -8.89 -19.38
C LYS A 354 7.79 -9.84 -18.92
N VAL A 355 8.12 -11.13 -18.80
CA VAL A 355 7.16 -12.13 -18.32
C VAL A 355 6.82 -11.88 -16.85
N MET A 356 7.86 -11.76 -16.03
CA MET A 356 7.67 -11.50 -14.60
C MET A 356 6.94 -10.19 -14.39
N GLU A 357 7.30 -9.18 -15.17
CA GLU A 357 6.59 -7.91 -15.16
C GLU A 357 5.11 -8.22 -15.34
N ASN A 358 4.82 -9.04 -16.34
CA ASN A 358 3.44 -9.45 -16.63
C ASN A 358 2.76 -10.12 -15.46
N PHE A 359 3.50 -11.00 -14.78
CA PHE A 359 3.01 -11.70 -13.60
C PHE A 359 2.60 -10.72 -12.52
N ILE A 360 3.55 -9.90 -12.07
CA ILE A 360 3.34 -8.91 -11.01
C ILE A 360 2.05 -8.13 -11.24
N TYR A 361 1.81 -7.72 -12.48
CA TYR A 361 0.58 -7.01 -12.81
C TYR A 361 -0.65 -7.89 -12.63
N GLU A 362 -0.57 -9.11 -13.16
CA GLU A 362 -1.74 -9.98 -13.17
C GLU A 362 -2.13 -10.41 -11.75
N SER A 363 -1.13 -10.59 -10.88
CA SER A 363 -1.41 -10.80 -9.48
C SER A 363 -2.20 -9.61 -8.96
N MET A 364 -1.69 -8.40 -9.21
CA MET A 364 -2.28 -7.15 -8.70
C MET A 364 -3.66 -6.86 -9.25
N ARG A 365 -3.94 -7.32 -10.46
CA ARG A 365 -5.26 -7.21 -11.01
C ARG A 365 -6.18 -8.18 -10.30
N TYR A 366 -5.86 -9.47 -10.42
CA TYR A 366 -6.66 -10.59 -9.87
C TYR A 366 -6.78 -10.56 -8.35
N GLN A 367 -5.64 -10.47 -7.68
CA GLN A 367 -5.57 -10.46 -6.22
C GLN A 367 -4.96 -9.14 -5.70
N PRO A 368 -5.79 -8.08 -5.58
CA PRO A 368 -5.30 -6.79 -5.13
C PRO A 368 -4.85 -6.86 -3.70
N VAL A 369 -4.08 -5.87 -3.26
CA VAL A 369 -3.99 -5.59 -1.84
C VAL A 369 -4.70 -4.28 -1.62
N VAL A 370 -4.33 -3.27 -2.41
CA VAL A 370 -5.11 -2.05 -2.43
C VAL A 370 -6.11 -2.19 -3.54
N ASP A 371 -7.37 -2.08 -3.18
CA ASP A 371 -8.44 -2.29 -4.14
C ASP A 371 -9.41 -1.10 -4.13
N LEU A 372 -9.23 -0.21 -3.16
CA LEU A 372 -9.95 1.06 -3.17
C LEU A 372 -9.14 2.26 -2.71
N VAL A 373 -9.33 3.33 -3.46
CA VAL A 373 -8.65 4.58 -3.25
C VAL A 373 -9.71 5.55 -2.80
N MET A 374 -9.38 6.41 -1.86
CA MET A 374 -10.28 7.43 -1.39
C MET A 374 -9.81 8.80 -1.82
N ARG A 375 -10.67 9.49 -2.56
CA ARG A 375 -10.40 10.84 -2.97
C ARG A 375 -11.60 11.68 -2.55
N LYS A 376 -11.46 13.00 -2.60
CA LYS A 376 -12.52 13.94 -2.23
C LYS A 376 -12.62 15.01 -3.34
N ALA A 377 -13.80 15.59 -3.53
CA ALA A 377 -13.91 16.63 -4.55
C ALA A 377 -13.74 17.99 -3.92
N LEU A 378 -12.96 18.85 -4.56
CA LEU A 378 -12.69 20.19 -4.05
C LEU A 378 -13.45 21.31 -4.79
N GLU A 379 -13.65 21.12 -6.10
CA GLU A 379 -14.51 21.97 -6.94
C GLU A 379 -15.71 21.16 -7.43
N ASP A 380 -16.82 21.82 -7.72
CA ASP A 380 -18.00 21.16 -8.27
C ASP A 380 -17.76 20.71 -9.70
N ASP A 381 -18.46 19.65 -10.11
CA ASP A 381 -18.21 19.07 -11.42
C ASP A 381 -19.37 18.24 -11.94
N VAL A 382 -19.47 18.20 -13.27
CA VAL A 382 -20.23 17.18 -13.98
C VAL A 382 -19.25 16.03 -14.28
N ILE A 383 -19.53 14.85 -13.74
CA ILE A 383 -18.66 13.70 -13.99
C ILE A 383 -19.47 12.48 -14.43
N ASP A 384 -19.23 12.06 -15.67
CA ASP A 384 -20.03 11.03 -16.38
C ASP A 384 -21.52 11.41 -16.59
N GLY A 385 -21.75 12.69 -16.87
CA GLY A 385 -23.09 13.25 -16.98
C GLY A 385 -23.81 13.39 -15.65
N TYR A 386 -23.06 13.30 -14.54
CA TYR A 386 -23.65 13.40 -13.20
C TYR A 386 -23.21 14.65 -12.45
N PRO A 387 -24.09 15.17 -11.57
CA PRO A 387 -23.74 16.32 -10.75
C PRO A 387 -23.04 15.91 -9.45
N VAL A 388 -21.83 16.43 -9.23
CA VAL A 388 -21.07 16.12 -8.01
C VAL A 388 -20.71 17.42 -7.30
N LYS A 389 -21.30 17.62 -6.12
CA LYS A 389 -21.01 18.82 -5.34
C LYS A 389 -19.61 18.73 -4.74
N LYS A 390 -18.98 19.87 -4.47
CA LYS A 390 -17.69 19.87 -3.77
C LYS A 390 -17.90 19.40 -2.33
N GLY A 391 -16.88 18.75 -1.77
CA GLY A 391 -16.98 18.21 -0.42
C GLY A 391 -17.56 16.80 -0.35
N THR A 392 -17.87 16.22 -1.51
CA THR A 392 -18.31 14.84 -1.59
C THR A 392 -17.10 13.91 -1.56
N ASN A 393 -17.17 12.87 -0.75
CA ASN A 393 -16.11 11.90 -0.72
C ASN A 393 -16.29 10.91 -1.86
N ILE A 394 -15.18 10.45 -2.41
CA ILE A 394 -15.20 9.48 -3.47
C ILE A 394 -14.42 8.23 -3.05
N ILE A 395 -15.04 7.07 -3.19
CA ILE A 395 -14.31 5.84 -3.04
C ILE A 395 -14.27 5.22 -4.41
N LEU A 396 -13.09 5.24 -5.01
CA LEU A 396 -12.85 4.56 -6.26
C LEU A 396 -12.59 3.09 -5.99
N ASN A 397 -13.42 2.23 -6.57
CA ASN A 397 -13.32 0.79 -6.32
C ASN A 397 -12.57 0.09 -7.42
N ILE A 398 -11.25 0.28 -7.43
CA ILE A 398 -10.43 -0.20 -8.53
C ILE A 398 -10.33 -1.73 -8.59
N GLY A 399 -10.54 -2.38 -7.45
CA GLY A 399 -10.49 -3.83 -7.37
C GLY A 399 -11.62 -4.53 -8.09
N ARG A 400 -12.80 -3.92 -8.06
CA ARG A 400 -13.96 -4.45 -8.79
C ARG A 400 -13.81 -4.11 -10.27
N MET A 401 -13.59 -2.83 -10.55
CA MET A 401 -13.35 -2.30 -11.88
C MET A 401 -12.35 -3.11 -12.71
N HIS A 402 -11.45 -3.85 -12.06
CA HIS A 402 -10.50 -4.68 -12.81
C HIS A 402 -11.12 -5.97 -13.34
N ARG A 403 -12.31 -6.30 -12.84
CA ARG A 403 -13.06 -7.49 -13.25
C ARG A 403 -14.30 -7.13 -14.06
N LEU A 404 -14.61 -5.85 -14.12
CA LEU A 404 -15.77 -5.37 -14.82
C LEU A 404 -15.52 -4.91 -16.25
N GLU A 405 -14.26 -4.67 -16.63
CA GLU A 405 -14.01 -3.87 -17.82
C GLU A 405 -13.18 -4.45 -18.95
N PHE A 406 -11.95 -3.97 -19.13
CA PHE A 406 -11.22 -4.23 -20.37
C PHE A 406 -10.89 -5.69 -20.56
N PHE A 407 -10.41 -6.32 -19.50
CA PHE A 407 -9.73 -7.60 -19.60
C PHE A 407 -10.49 -8.75 -20.31
N PRO A 408 -9.76 -9.58 -21.08
CA PRO A 408 -10.32 -10.74 -21.76
C PRO A 408 -10.92 -11.76 -20.81
N LYS A 409 -10.15 -12.25 -19.84
CA LYS A 409 -10.65 -13.24 -18.88
C LYS A 409 -10.59 -12.72 -17.45
N PRO A 410 -11.64 -11.99 -17.03
CA PRO A 410 -11.61 -11.22 -15.79
C PRO A 410 -11.59 -12.04 -14.50
N ASN A 411 -12.11 -13.26 -14.53
CA ASN A 411 -12.34 -13.99 -13.29
C ASN A 411 -11.44 -15.18 -13.02
N GLU A 412 -10.57 -15.49 -13.97
CA GLU A 412 -9.48 -16.43 -13.71
C GLU A 412 -8.14 -15.71 -13.82
N PHE A 413 -7.17 -16.16 -13.03
CA PHE A 413 -5.83 -15.63 -13.05
C PHE A 413 -5.07 -16.28 -14.20
N THR A 414 -4.61 -15.47 -15.16
CA THR A 414 -3.77 -15.94 -16.28
C THR A 414 -2.96 -14.82 -16.89
N LEU A 415 -1.71 -15.14 -17.25
CA LEU A 415 -0.85 -14.22 -17.98
C LEU A 415 -1.35 -13.89 -19.39
N GLU A 416 -2.60 -14.28 -19.67
CA GLU A 416 -3.24 -14.03 -20.95
C GLU A 416 -3.81 -12.63 -21.05
N ASN A 417 -4.34 -12.14 -19.93
CA ASN A 417 -4.87 -10.79 -19.85
C ASN A 417 -3.79 -9.73 -20.09
N PHE A 418 -2.56 -10.21 -20.27
CA PHE A 418 -1.43 -9.35 -20.46
C PHE A 418 -0.53 -9.80 -21.60
N ALA A 419 -1.13 -10.33 -22.66
CA ALA A 419 -0.40 -10.53 -23.93
C ALA A 419 -0.74 -9.37 -24.88
N LYS A 420 -1.78 -8.61 -24.51
CA LYS A 420 -2.23 -7.46 -25.28
C LYS A 420 -1.90 -6.17 -24.52
N ASN A 421 -0.78 -5.54 -24.86
CA ASN A 421 -0.35 -4.25 -24.25
C ASN A 421 -1.50 -3.39 -23.67
N VAL A 422 -1.50 -3.24 -22.35
CA VAL A 422 -2.66 -2.70 -21.62
C VAL A 422 -2.68 -1.20 -21.44
N PRO A 423 -3.85 -0.59 -21.73
CA PRO A 423 -4.14 0.84 -21.84
C PRO A 423 -3.70 1.75 -20.71
N TYR A 424 -3.55 1.23 -19.49
CA TYR A 424 -3.38 2.10 -18.30
C TYR A 424 -4.55 3.07 -18.07
N ARG A 425 -5.46 3.23 -19.04
CA ARG A 425 -6.68 3.92 -18.71
C ARG A 425 -7.69 2.88 -18.31
N TYR A 426 -7.34 1.62 -18.48
CA TYR A 426 -8.21 0.55 -18.03
C TYR A 426 -7.70 -0.21 -16.79
N PHE A 427 -6.37 -0.26 -16.63
CA PHE A 427 -5.74 -0.97 -15.51
C PHE A 427 -4.87 -0.04 -14.68
N GLN A 428 -5.45 0.44 -13.59
CA GLN A 428 -4.83 1.48 -12.78
C GLN A 428 -4.48 1.09 -11.34
N PRO A 429 -3.46 0.22 -11.15
CA PRO A 429 -3.24 -0.37 -9.83
C PRO A 429 -2.50 0.52 -8.86
N PHE A 430 -1.90 1.61 -9.35
CA PHE A 430 -1.21 2.53 -8.45
C PHE A 430 -1.93 3.86 -8.40
N GLY A 431 -2.72 4.12 -9.44
CA GLY A 431 -3.27 5.44 -9.67
C GLY A 431 -2.34 6.19 -10.57
N PHE A 432 -2.70 7.44 -10.87
CA PHE A 432 -1.79 8.38 -11.55
C PHE A 432 -2.16 9.83 -11.26
N GLY A 433 -1.42 10.72 -11.90
CA GLY A 433 -1.77 12.11 -11.85
C GLY A 433 -1.30 12.68 -10.55
N PRO A 434 -1.91 13.78 -10.15
CA PRO A 434 -1.25 14.70 -9.25
C PRO A 434 -1.08 14.15 -7.83
N ARG A 435 -1.86 13.09 -7.53
CA ARG A 435 -1.80 12.41 -6.23
C ARG A 435 -1.98 10.91 -6.37
N GLY A 436 -1.24 10.33 -7.29
CA GLY A 436 -1.18 8.89 -7.46
C GLY A 436 -0.03 8.35 -6.65
N CYS A 437 0.17 7.04 -6.71
CA CYS A 437 1.16 6.39 -5.87
C CYS A 437 2.56 6.94 -6.06
N ALA A 438 3.08 7.56 -5.00
CA ALA A 438 4.40 8.17 -5.02
C ALA A 438 5.50 7.12 -5.21
N GLY A 439 5.19 5.88 -4.90
CA GLY A 439 6.17 4.83 -4.98
C GLY A 439 6.08 4.09 -6.29
N LYS A 440 4.94 4.23 -6.96
CA LYS A 440 4.57 3.34 -8.07
C LYS A 440 5.75 2.82 -8.89
N TYR A 441 6.78 3.66 -9.07
CA TYR A 441 7.93 3.30 -9.89
C TYR A 441 8.93 2.46 -9.11
N ILE A 442 9.41 2.98 -7.99
CA ILE A 442 10.33 2.21 -7.12
C ILE A 442 9.71 0.90 -6.63
N ALA A 443 8.38 0.90 -6.54
CA ALA A 443 7.60 -0.22 -6.09
C ALA A 443 7.85 -1.41 -7.00
N MET A 444 7.43 -1.26 -8.24
CA MET A 444 7.58 -2.27 -9.27
C MET A 444 9.00 -2.73 -9.45
N VAL A 445 9.97 -2.00 -8.90
CA VAL A 445 11.35 -2.43 -8.95
C VAL A 445 11.64 -3.38 -7.80
N MET A 446 11.32 -2.97 -6.57
CA MET A 446 11.49 -3.83 -5.42
C MET A 446 10.89 -5.19 -5.67
N MET A 447 9.61 -5.25 -6.01
CA MET A 447 8.97 -6.53 -6.31
C MET A 447 9.79 -7.36 -7.27
N LYS A 448 10.11 -6.80 -8.44
CA LYS A 448 10.98 -7.45 -9.41
C LYS A 448 12.25 -7.97 -8.77
N ALA A 449 12.84 -7.19 -7.87
CA ALA A 449 14.08 -7.63 -7.22
C ALA A 449 13.84 -8.78 -6.26
N ILE A 450 13.03 -8.55 -5.22
CA ILE A 450 12.85 -9.57 -4.18
C ILE A 450 12.26 -10.85 -4.78
N LEU A 451 11.26 -10.72 -5.66
CA LEU A 451 10.71 -11.87 -6.41
C LEU A 451 11.76 -12.68 -7.14
N VAL A 452 12.77 -12.02 -7.70
CA VAL A 452 13.83 -12.75 -8.38
C VAL A 452 14.84 -13.34 -7.40
N THR A 453 15.54 -12.50 -6.66
CA THR A 453 16.56 -13.06 -5.79
C THR A 453 16.03 -14.19 -4.90
N LEU A 454 14.73 -14.20 -4.63
CA LEU A 454 14.13 -15.31 -3.88
C LEU A 454 13.77 -16.50 -4.76
N LEU A 455 13.08 -16.31 -5.88
CA LEU A 455 12.75 -17.45 -6.73
C LEU A 455 13.99 -18.08 -7.35
N ARG A 456 15.07 -17.30 -7.41
CA ARG A 456 16.39 -17.81 -7.74
C ARG A 456 16.68 -19.04 -6.91
N ARG A 457 16.75 -18.83 -5.59
CA ARG A 457 17.34 -19.79 -4.68
C ARG A 457 16.39 -20.84 -4.07
N PHE A 458 15.08 -20.57 -4.03
CA PHE A 458 14.12 -21.56 -3.47
C PHE A 458 12.88 -21.82 -4.31
N HIS A 459 12.53 -23.11 -4.42
CA HIS A 459 11.24 -23.56 -4.95
C HIS A 459 10.23 -23.26 -3.82
N VAL A 460 9.02 -22.81 -4.14
CA VAL A 460 8.03 -22.56 -3.06
C VAL A 460 6.87 -23.54 -2.97
N LYS A 461 6.46 -23.78 -1.73
CA LYS A 461 5.41 -24.73 -1.42
C LYS A 461 4.38 -24.14 -0.50
N THR A 462 3.17 -24.04 -1.03
CA THR A 462 1.96 -23.77 -0.27
C THR A 462 1.76 -24.85 0.81
N LEU A 463 0.75 -24.70 1.67
CA LEU A 463 0.53 -25.72 2.69
C LEU A 463 -0.80 -26.47 2.49
N GLN A 464 -0.73 -27.67 1.93
CA GLN A 464 -1.92 -28.53 1.71
C GLN A 464 -2.83 -28.10 0.55
N GLY A 465 -4.08 -27.79 0.89
CA GLY A 465 -5.09 -27.41 -0.11
C GLY A 465 -5.22 -25.90 -0.30
N GLN A 466 -4.38 -25.17 0.43
CA GLN A 466 -4.34 -23.71 0.42
C GLN A 466 -3.94 -23.10 -0.92
N CYS A 467 -4.82 -22.24 -1.43
CA CYS A 467 -4.48 -21.31 -2.51
C CYS A 467 -4.81 -19.91 -2.01
N VAL A 468 -4.69 -18.90 -2.87
CA VAL A 468 -4.94 -17.52 -2.45
C VAL A 468 -6.46 -17.23 -2.35
N GLU A 469 -7.24 -18.08 -3.01
CA GLU A 469 -8.71 -17.99 -3.02
C GLU A 469 -9.31 -18.80 -1.89
N SER A 470 -8.48 -19.57 -1.19
CA SER A 470 -8.93 -20.34 -0.05
C SER A 470 -8.40 -19.80 1.28
N ILE A 471 -7.62 -18.73 1.23
CA ILE A 471 -7.20 -18.05 2.45
C ILE A 471 -8.38 -17.22 2.93
N GLN A 472 -8.35 -16.86 4.22
CA GLN A 472 -9.41 -16.08 4.81
C GLN A 472 -8.90 -14.67 5.04
N LYS A 473 -9.62 -13.68 4.50
CA LYS A 473 -9.12 -12.31 4.43
C LYS A 473 -10.00 -11.29 5.16
N ILE A 474 -9.39 -10.33 5.85
CA ILE A 474 -10.10 -9.11 6.26
C ILE A 474 -10.29 -8.31 4.99
N HIS A 475 -11.34 -7.50 4.93
CA HIS A 475 -11.53 -6.63 3.79
C HIS A 475 -12.03 -5.28 4.23
N ASP A 476 -11.18 -4.53 4.96
CA ASP A 476 -11.60 -3.23 5.49
C ASP A 476 -10.97 -2.04 4.76
N LEU A 477 -9.78 -1.60 5.19
CA LEU A 477 -9.09 -0.52 4.53
C LEU A 477 -8.51 -1.09 3.27
N SER A 478 -7.62 -2.07 3.46
CA SER A 478 -7.04 -2.83 2.36
C SER A 478 -7.78 -4.16 2.24
N LEU A 479 -7.22 -5.08 1.48
CA LEU A 479 -7.66 -6.49 1.44
C LEU A 479 -6.44 -7.35 1.76
N HIS A 480 -6.22 -7.62 3.04
CA HIS A 480 -5.05 -8.38 3.49
C HIS A 480 -5.45 -9.67 4.22
N PRO A 481 -4.55 -10.67 4.26
CA PRO A 481 -4.94 -11.91 4.87
C PRO A 481 -5.13 -11.72 6.36
N ASP A 482 -5.99 -12.54 6.94
CA ASP A 482 -6.30 -12.52 8.37
C ASP A 482 -5.33 -13.38 9.18
N GLU A 483 -4.64 -12.75 10.12
CA GLU A 483 -3.55 -13.39 10.86
C GLU A 483 -3.98 -13.93 12.22
N THR A 484 -5.29 -14.07 12.42
CA THR A 484 -5.83 -14.77 13.57
C THR A 484 -6.09 -16.21 13.18
N LYS A 485 -5.90 -16.54 11.90
CA LYS A 485 -5.88 -17.93 11.45
C LYS A 485 -4.44 -18.42 11.37
N ASN A 486 -4.29 -19.72 11.11
CA ASN A 486 -3.01 -20.30 10.72
C ASN A 486 -3.16 -20.94 9.33
N MET A 487 -2.05 -21.43 8.78
CA MET A 487 -1.95 -21.97 7.39
C MET A 487 -1.43 -20.92 6.37
N LEU A 488 -1.09 -19.73 6.89
CA LEU A 488 -0.43 -18.66 6.13
C LEU A 488 1.08 -18.85 6.11
N GLU A 489 1.51 -20.10 6.21
CA GLU A 489 2.92 -20.40 6.31
C GLU A 489 3.29 -21.09 5.02
N MET A 490 4.58 -21.12 4.70
CA MET A 490 5.06 -21.74 3.46
C MET A 490 6.32 -22.55 3.69
N ILE A 491 6.68 -23.38 2.72
CA ILE A 491 7.86 -24.23 2.81
C ILE A 491 8.86 -23.97 1.68
N PHE A 492 10.09 -23.62 2.05
CA PHE A 492 11.12 -23.31 1.07
C PHE A 492 12.09 -24.46 0.84
N THR A 493 12.00 -25.08 -0.33
CA THR A 493 12.88 -26.19 -0.73
C THR A 493 13.90 -25.69 -1.78
N PRO A 494 15.22 -25.93 -1.56
CA PRO A 494 16.26 -25.37 -2.43
C PRO A 494 16.21 -25.71 -3.95
N ARG A 495 17.12 -25.11 -4.72
CA ARG A 495 17.24 -25.33 -6.16
C ARG A 495 18.68 -25.61 -6.57
N ASN A 496 18.88 -26.45 -7.60
CA ASN A 496 20.22 -26.87 -8.10
C ASN A 496 20.96 -27.79 -7.12
#